data_2P8P
#
_entry.id   2P8P
#
_cell.length_a   58.500
_cell.length_b   64.300
_cell.length_c   178.200
_cell.angle_alpha   90.00
_cell.angle_beta   90.00
_cell.angle_gamma   90.00
#
_symmetry.space_group_name_H-M   'P 21 21 21'
#
loop_
_entity.id
_entity.type
_entity.pdbx_description
1 polymer 'nmAb 2F5, light chain'
2 polymer 'nmAb 2F5, heavy chain'
3 polymer 'gp41 peptide'
4 water water
#
loop_
_entity_poly.entity_id
_entity_poly.type
_entity_poly.pdbx_seq_one_letter_code
_entity_poly.pdbx_strand_id
1 'polypeptide(L)'
;ALQLTQSPSSLSASVGDRITITCRASQGVTSALAWYRQKPGSPPQLLIYDASSLESGVPSRFSGSGSGTEFTLTISTLRP
EDFATYYCQQLHFYPHTFGGGTRVDVRRTVAAPSVFIFPPSDEQLKSGTASVVCLLNNFYPREAKVQWKVDNALQSGNSQ
ESVTEQDSKDSTYSLSSTLTLSKADYEKHKVYECEVTHQGLSSPVTKSFNRGEC
;
A
2 'polypeptide(L)'
;RITLKESGPPLVKPTQTLTLTCSFSGFSLSDFGVGVGWIRQPPGKALEWLAIIYSDDDKRYSPSLNTRLTITKDTSKNQV
VLVMTRVSPVDTATYFCAHRRGPTTLFGVPIARGPVNAMDVWGQGITVTISSTSTKGPSVFPLAPSSKSTAGGTAALGCL
VKDYFPEPVTVSWNSGALTSGVHTFPAVLQSSGLYSLSSVVTVPSSSLGTQTYTCNVNHKPSNTKVDKRVEPKSC
;
B
3 'polypeptide(L)' LELDKWASLW(NH2) C
#
loop_
_chem_comp.id
_chem_comp.type
_chem_comp.name
_chem_comp.formula
NH2 non-polymer 'AMINO GROUP' 'H2 N'
#
# COMPACT_ATOMS: atom_id res chain seq x y z
N ALA A 1 14.16 16.08 9.52
CA ALA A 1 14.35 16.95 8.31
C ALA A 1 13.14 17.85 8.01
N LEU A 2 12.77 17.95 6.73
CA LEU A 2 11.67 18.80 6.25
C LEU A 2 10.29 18.67 6.90
N GLN A 3 9.57 17.59 6.61
CA GLN A 3 8.20 17.32 7.08
C GLN A 3 7.23 18.06 6.17
N LEU A 4 6.47 17.30 5.41
CA LEU A 4 5.50 17.81 4.47
C LEU A 4 4.20 17.04 4.76
N THR A 5 3.28 17.74 5.42
CA THR A 5 2.02 17.20 5.90
C THR A 5 0.74 17.39 5.08
N GLN A 6 0.06 16.29 4.79
CA GLN A 6 -1.21 16.30 4.07
C GLN A 6 -2.41 16.22 4.98
N SER A 7 -3.42 17.03 4.66
CA SER A 7 -4.69 17.06 5.39
C SER A 7 -5.74 17.27 4.30
N PRO A 8 -6.89 16.55 4.36
CA PRO A 8 -7.42 15.50 5.25
C PRO A 8 -6.57 14.36 5.79
N SER A 9 -6.18 13.42 4.93
CA SER A 9 -5.41 12.18 5.19
C SER A 9 -6.35 11.12 4.59
N SER A 10 -7.64 11.39 4.76
CA SER A 10 -8.73 10.59 4.20
C SER A 10 -9.95 11.49 4.11
N LEU A 11 -10.74 11.25 3.07
CA LEU A 11 -11.93 12.03 2.82
C LEU A 11 -12.95 11.22 2.04
N SER A 12 -14.21 11.48 2.37
CA SER A 12 -15.34 10.81 1.74
C SER A 12 -15.99 11.81 0.80
N ALA A 13 -16.35 11.36 -0.41
CA ALA A 13 -16.98 12.24 -1.39
C ALA A 13 -17.72 11.48 -2.46
N SER A 14 -18.71 12.14 -3.05
CA SER A 14 -19.54 11.55 -4.10
C SER A 14 -19.22 12.20 -5.44
N VAL A 15 -19.57 11.49 -6.52
CA VAL A 15 -19.36 11.95 -7.88
C VAL A 15 -19.98 13.33 -8.10
N GLY A 16 -19.13 14.27 -8.47
CA GLY A 16 -19.55 15.63 -8.69
C GLY A 16 -19.03 16.65 -7.74
N ASP A 17 -18.78 16.26 -6.51
CA ASP A 17 -18.39 17.20 -5.48
C ASP A 17 -17.12 17.92 -5.86
N ARG A 18 -16.61 18.62 -4.91
CA ARG A 18 -15.51 19.45 -5.11
C ARG A 18 -14.75 19.22 -3.88
N ILE A 19 -13.45 19.05 -4.03
CA ILE A 19 -12.66 18.79 -2.87
C ILE A 19 -11.34 19.49 -2.94
N THR A 20 -10.79 19.74 -1.78
CA THR A 20 -9.53 20.35 -1.67
C THR A 20 -8.65 19.72 -0.64
N ILE A 21 -7.51 19.23 -1.12
CA ILE A 21 -6.50 18.60 -0.31
C ILE A 21 -5.41 19.64 0.00
N THR A 22 -4.82 19.54 1.18
CA THR A 22 -3.80 20.46 1.64
C THR A 22 -2.47 19.80 1.97
N CYS A 23 -1.40 20.33 1.41
CA CYS A 23 -0.05 19.87 1.66
C CYS A 23 0.61 21.07 2.37
N ARG A 24 1.28 20.81 3.49
CA ARG A 24 1.91 21.88 4.27
C ARG A 24 3.37 21.57 4.62
N ALA A 25 4.25 22.54 4.39
CA ALA A 25 5.68 22.38 4.68
C ALA A 25 6.13 23.11 5.93
N SER A 26 7.20 22.62 6.55
CA SER A 26 7.76 23.25 7.76
C SER A 26 8.68 24.42 7.37
N GLN A 27 9.29 24.31 6.19
CA GLN A 27 10.15 25.34 5.62
C GLN A 27 9.46 25.80 4.35
N GLY A 28 9.88 26.95 3.84
CA GLY A 28 9.32 27.49 2.61
C GLY A 28 9.96 26.76 1.43
N VAL A 29 9.14 26.22 0.55
CA VAL A 29 9.66 25.49 -0.61
C VAL A 29 9.40 26.20 -1.92
N THR A 30 9.14 27.50 -1.82
CA THR A 30 8.83 28.38 -2.95
C THR A 30 7.64 27.82 -3.71
N SER A 31 7.82 27.50 -4.99
CA SER A 31 6.75 26.97 -5.84
C SER A 31 7.01 25.51 -6.17
N ALA A 32 8.04 24.93 -5.57
CA ALA A 32 8.44 23.56 -5.84
C ALA A 32 7.59 22.38 -5.35
N LEU A 33 6.28 22.45 -5.58
CA LEU A 33 5.39 21.37 -5.17
C LEU A 33 4.71 20.68 -6.33
N ALA A 34 4.54 19.35 -6.20
CA ALA A 34 3.92 18.54 -7.24
C ALA A 34 2.76 17.77 -6.68
N TRP A 35 1.78 17.43 -7.53
CA TRP A 35 0.61 16.67 -7.11
C TRP A 35 0.39 15.45 -7.97
N TYR A 36 0.17 14.33 -7.28
CA TYR A 36 -0.03 13.04 -7.93
C TYR A 36 -1.31 12.36 -7.57
N ARG A 37 -1.80 11.54 -8.49
CA ARG A 37 -3.00 10.74 -8.28
C ARG A 37 -2.58 9.31 -8.45
N GLN A 38 -2.84 8.49 -7.44
CA GLN A 38 -2.46 7.08 -7.50
C GLN A 38 -3.59 6.06 -7.39
N LYS A 39 -3.85 5.39 -8.50
CA LYS A 39 -4.86 4.34 -8.59
C LYS A 39 -4.14 3.08 -8.11
N PRO A 40 -4.80 2.21 -7.30
CA PRO A 40 -4.17 0.97 -6.79
C PRO A 40 -3.53 0.11 -7.88
N GLY A 41 -2.33 -0.38 -7.60
CA GLY A 41 -1.59 -1.22 -8.53
C GLY A 41 -1.01 -0.49 -9.74
N SER A 42 -1.02 0.84 -9.68
CA SER A 42 -0.52 1.69 -10.74
C SER A 42 0.40 2.75 -10.12
N PRO A 43 1.36 3.29 -10.91
CA PRO A 43 2.28 4.31 -10.41
C PRO A 43 1.62 5.69 -10.30
N PRO A 44 2.23 6.62 -9.54
CA PRO A 44 1.66 7.97 -9.40
C PRO A 44 1.65 8.69 -10.75
N GLN A 45 0.59 9.47 -10.98
CA GLN A 45 0.45 10.24 -12.22
C GLN A 45 0.58 11.71 -11.89
N LEU A 46 1.27 12.45 -12.74
CA LEU A 46 1.43 13.88 -12.50
C LEU A 46 0.19 14.69 -12.86
N LEU A 47 -0.24 15.53 -11.93
CA LEU A 47 -1.39 16.41 -12.11
C LEU A 47 -0.93 17.85 -12.17
N ILE A 48 -0.32 18.30 -11.09
CA ILE A 48 0.16 19.67 -10.98
C ILE A 48 1.65 19.71 -10.67
N TYR A 49 2.39 20.52 -11.41
CA TYR A 49 3.82 20.75 -11.16
C TYR A 49 3.96 22.23 -10.85
N ASP A 50 5.10 22.62 -10.27
CA ASP A 50 5.39 24.00 -9.88
C ASP A 50 4.24 24.69 -9.13
N ALA A 51 3.63 23.93 -8.22
CA ALA A 51 2.52 24.34 -7.34
C ALA A 51 1.17 24.63 -7.99
N SER A 52 1.18 25.25 -9.17
CA SER A 52 -0.06 25.62 -9.86
C SER A 52 -0.17 25.30 -11.33
N SER A 53 0.91 24.82 -11.93
CA SER A 53 0.90 24.50 -13.36
C SER A 53 0.28 23.16 -13.69
N LEU A 54 -0.73 23.17 -14.54
CA LEU A 54 -1.42 21.95 -14.96
C LEU A 54 -0.52 21.19 -15.92
N GLU A 55 -0.41 19.87 -15.72
CA GLU A 55 0.41 19.02 -16.60
C GLU A 55 -0.38 18.68 -17.85
N SER A 56 0.27 18.76 -19.00
CA SER A 56 -0.34 18.47 -20.30
C SER A 56 -0.98 17.07 -20.36
N GLY A 57 -2.31 17.06 -20.45
CA GLY A 57 -3.06 15.81 -20.51
C GLY A 57 -4.01 15.68 -19.34
N VAL A 58 -3.67 16.35 -18.24
CA VAL A 58 -4.46 16.34 -17.01
C VAL A 58 -5.71 17.20 -17.19
N PRO A 59 -6.91 16.63 -16.90
CA PRO A 59 -8.20 17.33 -17.03
C PRO A 59 -8.30 18.64 -16.25
N SER A 60 -9.02 19.59 -16.85
CA SER A 60 -9.25 20.94 -16.32
C SER A 60 -9.82 21.00 -14.92
N ARG A 61 -10.57 19.96 -14.54
CA ARG A 61 -11.20 19.86 -13.21
C ARG A 61 -10.19 20.05 -12.07
N PHE A 62 -8.94 19.65 -12.32
CA PHE A 62 -7.82 19.75 -11.37
C PHE A 62 -7.26 21.16 -11.39
N SER A 63 -6.67 21.56 -10.28
CA SER A 63 -6.12 22.89 -10.10
C SER A 63 -5.18 22.85 -8.89
N GLY A 64 -4.11 23.62 -8.96
CA GLY A 64 -3.17 23.68 -7.85
C GLY A 64 -3.04 25.13 -7.42
N SER A 65 -2.66 25.35 -6.17
CA SER A 65 -2.52 26.70 -5.63
C SER A 65 -1.54 26.77 -4.46
N GLY A 66 -1.15 28.00 -4.12
CA GLY A 66 -0.25 28.24 -3.02
C GLY A 66 1.18 28.51 -3.39
N SER A 67 1.96 28.92 -2.39
CA SER A 67 3.37 29.23 -2.54
C SER A 67 4.01 29.31 -1.15
N GLY A 68 5.25 28.87 -1.09
CA GLY A 68 6.00 28.89 0.15
C GLY A 68 5.80 27.73 1.07
N THR A 69 4.81 27.84 1.96
CA THR A 69 4.51 26.81 2.95
C THR A 69 3.10 26.20 2.89
N GLU A 70 2.18 26.91 2.26
CA GLU A 70 0.78 26.49 2.17
C GLU A 70 0.36 26.10 0.75
N PHE A 71 0.04 24.83 0.53
CA PHE A 71 -0.33 24.36 -0.80
C PHE A 71 -1.63 23.58 -0.83
N THR A 72 -2.41 23.77 -1.89
CA THR A 72 -3.69 23.06 -2.05
C THR A 72 -3.91 22.53 -3.46
N LEU A 73 -4.60 21.39 -3.56
CA LEU A 73 -4.99 20.81 -4.85
C LEU A 73 -6.50 20.90 -4.83
N THR A 74 -7.10 21.40 -5.91
CA THR A 74 -8.54 21.54 -5.97
C THR A 74 -9.18 20.85 -7.15
N ILE A 75 -9.85 19.73 -6.87
CA ILE A 75 -10.60 19.00 -7.88
C ILE A 75 -11.97 19.67 -7.75
N SER A 76 -12.52 20.11 -8.88
CA SER A 76 -13.80 20.82 -8.93
C SER A 76 -15.05 19.97 -9.03
N THR A 77 -14.99 18.99 -9.92
CA THR A 77 -16.09 18.09 -10.18
C THR A 77 -15.50 16.70 -10.15
N LEU A 78 -15.72 15.99 -9.03
CA LEU A 78 -15.23 14.63 -8.84
C LEU A 78 -15.76 13.65 -9.87
N ARG A 79 -14.83 12.85 -10.39
CA ARG A 79 -15.14 11.86 -11.40
C ARG A 79 -14.75 10.47 -10.89
N PRO A 80 -15.28 9.37 -11.51
CA PRO A 80 -14.97 7.99 -11.09
C PRO A 80 -13.49 7.71 -10.80
N GLU A 81 -12.65 7.84 -11.83
CA GLU A 81 -11.20 7.63 -11.76
C GLU A 81 -10.46 8.45 -10.69
N ASP A 82 -11.07 9.54 -10.24
CA ASP A 82 -10.50 10.41 -9.23
C ASP A 82 -10.51 9.84 -7.82
N PHE A 83 -11.13 8.66 -7.66
CA PHE A 83 -11.17 7.98 -6.37
C PHE A 83 -9.88 7.21 -6.26
N ALA A 84 -8.95 7.80 -5.52
CA ALA A 84 -7.62 7.25 -5.37
C ALA A 84 -6.87 7.91 -4.23
N THR A 85 -5.57 7.66 -4.16
CA THR A 85 -4.73 8.27 -3.14
C THR A 85 -3.95 9.38 -3.85
N TYR A 86 -3.79 10.49 -3.15
CA TYR A 86 -3.11 11.67 -3.65
C TYR A 86 -1.89 12.02 -2.84
N TYR A 87 -0.79 12.28 -3.54
CA TYR A 87 0.45 12.65 -2.88
C TYR A 87 0.97 13.97 -3.38
N CYS A 88 1.70 14.65 -2.50
CA CYS A 88 2.32 15.90 -2.85
C CYS A 88 3.80 15.75 -2.60
N GLN A 89 4.59 16.26 -3.53
CA GLN A 89 6.03 16.17 -3.42
C GLN A 89 6.68 17.54 -3.40
N GLN A 90 7.70 17.65 -2.56
CA GLN A 90 8.48 18.86 -2.39
C GLN A 90 9.77 18.63 -3.13
N LEU A 91 10.11 19.53 -4.05
CA LEU A 91 11.34 19.39 -4.83
C LEU A 91 12.30 20.57 -4.68
N HIS A 92 12.22 21.29 -3.56
CA HIS A 92 13.07 22.44 -3.31
C HIS A 92 14.35 22.09 -2.55
N PHE A 93 14.22 21.20 -1.58
CA PHE A 93 15.33 20.77 -0.77
C PHE A 93 15.55 19.27 -0.97
N TYR A 94 16.78 18.83 -0.74
CA TYR A 94 17.11 17.42 -0.81
C TYR A 94 16.99 16.93 0.64
N PRO A 95 16.29 15.79 0.88
CA PRO A 95 15.60 14.89 -0.04
C PRO A 95 14.23 15.39 -0.48
N HIS A 96 13.87 15.03 -1.71
CA HIS A 96 12.60 15.42 -2.29
C HIS A 96 11.43 14.74 -1.56
N THR A 97 11.03 15.33 -0.43
CA THR A 97 9.97 14.82 0.43
C THR A 97 8.59 14.65 -0.18
N PHE A 98 7.92 13.58 0.25
CA PHE A 98 6.57 13.25 -0.18
C PHE A 98 5.61 13.40 1.00
N GLY A 99 4.34 13.59 0.67
CA GLY A 99 3.29 13.69 1.69
C GLY A 99 2.84 12.29 2.01
N GLY A 100 2.23 12.11 3.18
CA GLY A 100 1.77 10.80 3.63
C GLY A 100 0.56 10.22 2.89
N GLY A 101 -0.03 11.01 2.00
CA GLY A 101 -1.18 10.56 1.22
C GLY A 101 -2.52 11.01 1.74
N THR A 102 -3.47 11.12 0.81
CA THR A 102 -4.83 11.52 1.12
C THR A 102 -5.75 10.69 0.28
N ARG A 103 -6.20 9.58 0.88
CA ARG A 103 -7.11 8.62 0.25
C ARG A 103 -8.49 9.24 0.07
N VAL A 104 -9.07 8.98 -1.10
CA VAL A 104 -10.38 9.49 -1.47
C VAL A 104 -11.28 8.30 -1.84
N ASP A 105 -12.26 8.04 -0.97
CA ASP A 105 -13.21 6.94 -1.17
C ASP A 105 -14.60 7.43 -1.59
N VAL A 106 -15.49 6.50 -1.93
CA VAL A 106 -16.88 6.81 -2.30
C VAL A 106 -17.67 6.97 -1.00
N ARG A 107 -18.42 8.07 -0.90
CA ARG A 107 -19.24 8.32 0.29
C ARG A 107 -20.58 7.61 0.16
N ARG A 108 -21.02 7.06 1.30
CA ARG A 108 -22.30 6.39 1.44
C ARG A 108 -22.73 6.48 2.90
N THR A 109 -23.91 5.93 3.18
CA THR A 109 -24.49 5.91 4.52
C THR A 109 -23.64 5.06 5.46
N VAL A 110 -23.56 5.47 6.73
CA VAL A 110 -22.78 4.76 7.76
C VAL A 110 -23.25 3.30 7.84
N ALA A 111 -22.27 2.39 7.82
CA ALA A 111 -22.55 0.97 7.89
C ALA A 111 -21.78 0.38 9.06
N ALA A 112 -22.55 -0.06 10.05
CA ALA A 112 -22.03 -0.70 11.25
C ALA A 112 -21.49 -2.07 10.85
N PRO A 113 -20.30 -2.46 11.37
CA PRO A 113 -19.75 -3.77 11.02
C PRO A 113 -20.45 -4.96 11.69
N SER A 114 -20.75 -5.99 10.90
CA SER A 114 -21.36 -7.19 11.46
C SER A 114 -20.13 -7.99 11.90
N VAL A 115 -19.99 -8.15 13.22
CA VAL A 115 -18.84 -8.82 13.81
C VAL A 115 -18.97 -10.33 14.08
N PHE A 116 -17.92 -11.06 13.68
CA PHE A 116 -17.86 -12.51 13.85
C PHE A 116 -16.50 -12.91 14.39
N ILE A 117 -16.47 -13.79 15.39
CA ILE A 117 -15.22 -14.30 15.93
C ILE A 117 -15.15 -15.80 15.62
N PHE A 118 -13.98 -16.24 15.18
CA PHE A 118 -13.76 -17.63 14.84
C PHE A 118 -12.63 -18.21 15.67
N PRO A 119 -12.89 -19.33 16.37
CA PRO A 119 -11.86 -19.98 17.20
C PRO A 119 -10.89 -20.77 16.29
N PRO A 120 -9.74 -21.21 16.81
CA PRO A 120 -8.83 -21.98 15.95
C PRO A 120 -9.28 -23.41 15.81
N SER A 121 -9.21 -23.92 14.58
CA SER A 121 -9.58 -25.28 14.26
C SER A 121 -8.78 -26.28 15.08
N ASP A 122 -9.41 -27.39 15.44
CA ASP A 122 -8.77 -28.44 16.24
C ASP A 122 -7.64 -29.16 15.52
N GLU A 123 -7.53 -28.91 14.23
CA GLU A 123 -6.51 -29.52 13.36
C GLU A 123 -5.32 -28.58 13.17
N GLN A 124 -5.40 -27.42 13.81
CA GLN A 124 -4.32 -26.44 13.77
C GLN A 124 -3.60 -26.56 15.07
N LEU A 125 -4.37 -26.66 16.15
CA LEU A 125 -3.86 -26.81 17.52
C LEU A 125 -2.90 -28.00 17.58
N LYS A 126 -3.22 -29.04 16.81
CA LYS A 126 -2.42 -30.24 16.69
C LYS A 126 -0.99 -29.96 16.18
N SER A 127 -0.83 -28.83 15.50
CA SER A 127 0.46 -28.40 14.96
C SER A 127 1.18 -27.38 15.86
N GLY A 128 0.63 -27.14 17.05
CA GLY A 128 1.24 -26.23 18.01
C GLY A 128 0.90 -24.74 18.02
N THR A 129 0.12 -24.28 17.05
CA THR A 129 -0.24 -22.87 16.97
C THR A 129 -1.76 -22.64 16.94
N ALA A 130 -2.20 -21.50 17.45
CA ALA A 130 -3.61 -21.17 17.49
C ALA A 130 -3.87 -19.77 16.94
N SER A 131 -4.64 -19.69 15.87
CA SER A 131 -4.98 -18.42 15.24
C SER A 131 -6.46 -18.16 15.48
N VAL A 132 -6.75 -17.11 16.24
CA VAL A 132 -8.13 -16.72 16.54
C VAL A 132 -8.42 -15.60 15.54
N VAL A 133 -9.48 -15.76 14.75
CA VAL A 133 -9.82 -14.77 13.73
C VAL A 133 -11.09 -13.97 14.00
N CYS A 134 -10.99 -12.67 13.81
CA CYS A 134 -12.15 -11.79 13.98
C CYS A 134 -12.46 -11.10 12.66
N LEU A 135 -13.74 -11.14 12.29
CA LEU A 135 -14.21 -10.54 11.05
C LEU A 135 -15.20 -9.41 11.28
N LEU A 136 -14.85 -8.24 10.74
CA LEU A 136 -15.66 -7.06 10.83
C LEU A 136 -16.19 -6.88 9.42
N ASN A 137 -17.35 -7.47 9.17
CA ASN A 137 -17.94 -7.43 7.85
C ASN A 137 -18.54 -6.12 7.36
N ASN A 138 -18.66 -6.06 6.03
CA ASN A 138 -19.13 -4.93 5.21
C ASN A 138 -19.60 -3.67 5.92
N PHE A 139 -18.61 -2.81 6.18
CA PHE A 139 -18.78 -1.55 6.90
C PHE A 139 -18.36 -0.25 6.18
N TYR A 140 -18.70 0.88 6.82
CA TYR A 140 -18.39 2.22 6.33
C TYR A 140 -18.56 3.26 7.46
N PRO A 141 -17.61 4.22 7.65
CA PRO A 141 -16.34 4.47 6.94
C PRO A 141 -15.21 3.55 7.37
N ARG A 142 -14.16 3.54 6.56
CA ARG A 142 -12.98 2.71 6.72
C ARG A 142 -12.33 2.57 8.10
N GLU A 143 -12.46 3.61 8.92
CA GLU A 143 -11.87 3.61 10.25
C GLU A 143 -12.55 2.68 11.22
N ALA A 144 -11.79 1.72 11.73
CA ALA A 144 -12.26 0.75 12.69
C ALA A 144 -11.09 0.38 13.56
N LYS A 145 -11.39 -0.09 14.76
CA LYS A 145 -10.37 -0.49 15.72
C LYS A 145 -10.80 -1.79 16.39
N VAL A 146 -9.93 -2.79 16.30
CA VAL A 146 -10.15 -4.10 16.91
C VAL A 146 -9.24 -4.23 18.11
N GLN A 147 -9.81 -4.69 19.20
CA GLN A 147 -9.06 -4.90 20.42
C GLN A 147 -9.22 -6.35 20.83
N TRP A 148 -8.11 -7.02 21.05
CA TRP A 148 -8.13 -8.42 21.46
C TRP A 148 -7.81 -8.52 22.91
N LYS A 149 -8.63 -9.26 23.64
CA LYS A 149 -8.35 -9.49 25.04
C LYS A 149 -8.62 -10.98 25.34
N VAL A 150 -7.77 -11.55 26.17
CA VAL A 150 -7.81 -12.97 26.55
C VAL A 150 -7.92 -13.00 28.08
N ASP A 151 -9.14 -13.22 28.57
CA ASP A 151 -9.49 -13.23 30.01
C ASP A 151 -9.24 -11.83 30.58
N ASN A 152 -9.79 -10.85 29.87
CA ASN A 152 -9.69 -9.42 30.19
C ASN A 152 -8.30 -8.80 30.10
N ALA A 153 -7.34 -9.57 29.58
CA ALA A 153 -5.96 -9.13 29.41
C ALA A 153 -5.75 -8.63 27.98
N LEU A 154 -5.37 -7.37 27.84
CA LEU A 154 -5.14 -6.75 26.54
C LEU A 154 -4.00 -7.37 25.75
N GLN A 155 -4.32 -7.87 24.56
CA GLN A 155 -3.32 -8.48 23.70
C GLN A 155 -2.74 -7.39 22.82
N SER A 156 -1.42 -7.26 22.90
CA SER A 156 -0.70 -6.25 22.14
C SER A 156 0.56 -6.82 21.50
N GLY A 157 0.71 -6.59 20.20
CA GLY A 157 1.87 -7.05 19.47
C GLY A 157 1.78 -8.45 18.91
N ASN A 158 0.68 -9.15 19.20
CA ASN A 158 0.46 -10.51 18.73
C ASN A 158 -0.69 -10.68 17.73
N SER A 159 -1.13 -9.57 17.14
CA SER A 159 -2.21 -9.61 16.15
C SER A 159 -1.87 -8.86 14.87
N GLN A 160 -2.43 -9.35 13.76
CA GLN A 160 -2.25 -8.74 12.43
C GLN A 160 -3.58 -8.49 11.73
N GLU A 161 -3.66 -7.35 11.06
CA GLU A 161 -4.88 -6.93 10.35
C GLU A 161 -4.77 -6.84 8.83
N SER A 162 -5.93 -6.81 8.18
CA SER A 162 -6.02 -6.71 6.74
C SER A 162 -7.38 -6.09 6.40
N VAL A 163 -7.41 -5.20 5.41
CA VAL A 163 -8.66 -4.56 4.98
C VAL A 163 -8.84 -4.78 3.47
N THR A 164 -10.07 -5.08 3.07
CA THR A 164 -10.40 -5.27 1.65
C THR A 164 -10.45 -3.89 1.02
N GLU A 165 -10.53 -3.83 -0.30
CA GLU A 165 -10.64 -2.53 -0.96
C GLU A 165 -12.13 -2.23 -1.07
N GLN A 166 -12.47 -0.94 -1.03
CA GLN A 166 -13.87 -0.45 -1.12
C GLN A 166 -14.64 -1.20 -2.19
N ASP A 167 -15.70 -1.89 -1.76
CA ASP A 167 -16.50 -2.69 -2.66
C ASP A 167 -17.17 -1.92 -3.79
N SER A 168 -17.07 -2.50 -4.99
CA SER A 168 -17.61 -1.95 -6.24
C SER A 168 -19.11 -1.66 -6.18
N LYS A 169 -19.84 -2.52 -5.46
CA LYS A 169 -21.28 -2.39 -5.33
C LYS A 169 -21.78 -1.87 -3.99
N ASP A 170 -21.22 -2.39 -2.90
CA ASP A 170 -21.59 -2.01 -1.53
C ASP A 170 -21.08 -0.64 -1.11
N SER A 171 -19.83 -0.35 -1.50
CA SER A 171 -19.07 0.87 -1.16
C SER A 171 -18.64 0.73 0.30
N THR A 172 -18.40 -0.53 0.67
CA THR A 172 -18.01 -0.91 2.00
C THR A 172 -16.62 -1.55 2.07
N TYR A 173 -16.16 -1.70 3.31
CA TYR A 173 -14.87 -2.30 3.64
C TYR A 173 -15.11 -3.45 4.60
N SER A 174 -14.21 -4.42 4.62
CA SER A 174 -14.30 -5.54 5.53
C SER A 174 -12.90 -5.77 6.07
N LEU A 175 -12.81 -6.06 7.36
CA LEU A 175 -11.52 -6.29 8.00
C LEU A 175 -11.45 -7.62 8.75
N SER A 176 -10.29 -8.28 8.67
CA SER A 176 -10.03 -9.52 9.39
C SER A 176 -8.81 -9.32 10.29
N SER A 177 -8.97 -9.64 11.56
CA SER A 177 -7.89 -9.52 12.54
C SER A 177 -7.54 -10.90 13.05
N THR A 178 -6.25 -11.20 13.07
CA THR A 178 -5.80 -12.51 13.51
C THR A 178 -4.89 -12.52 14.74
N LEU A 179 -5.45 -12.99 15.87
CA LEU A 179 -4.69 -13.13 17.11
C LEU A 179 -3.98 -14.48 17.05
N THR A 180 -2.66 -14.46 17.17
CA THR A 180 -1.88 -15.68 17.10
C THR A 180 -1.22 -15.99 18.43
N LEU A 181 -1.55 -17.17 18.96
CA LEU A 181 -1.02 -17.66 20.22
C LEU A 181 -0.46 -19.07 20.02
N SER A 182 0.22 -19.58 21.04
CA SER A 182 0.77 -20.94 21.02
C SER A 182 -0.32 -21.84 21.61
N LYS A 183 -0.38 -23.09 21.17
CA LYS A 183 -1.35 -24.09 21.65
C LYS A 183 -1.36 -24.11 23.18
N ALA A 184 -0.14 -24.17 23.72
CA ALA A 184 0.12 -24.20 25.15
C ALA A 184 -0.52 -23.01 25.87
N ASP A 185 -0.33 -21.80 25.31
CA ASP A 185 -0.89 -20.57 25.87
C ASP A 185 -2.35 -20.43 25.59
N TYR A 186 -2.79 -20.92 24.43
CA TYR A 186 -4.18 -20.86 24.03
C TYR A 186 -5.01 -21.61 25.06
N GLU A 187 -4.54 -22.80 25.40
CA GLU A 187 -5.22 -23.67 26.36
C GLU A 187 -5.06 -23.31 27.83
N LYS A 188 -4.36 -22.21 28.11
CA LYS A 188 -4.17 -21.75 29.49
C LYS A 188 -5.27 -20.75 29.84
N HIS A 189 -6.05 -20.35 28.83
CA HIS A 189 -7.10 -19.35 29.02
C HIS A 189 -8.47 -19.73 28.47
N LYS A 190 -9.51 -19.06 28.97
CA LYS A 190 -10.89 -19.36 28.58
C LYS A 190 -11.63 -18.39 27.67
N VAL A 191 -11.80 -17.15 28.11
CA VAL A 191 -12.53 -16.13 27.33
C VAL A 191 -11.66 -15.37 26.31
N TYR A 192 -12.01 -15.49 25.03
CA TYR A 192 -11.31 -14.81 23.95
C TYR A 192 -12.28 -13.83 23.36
N GLU A 193 -11.92 -12.56 23.38
CA GLU A 193 -12.79 -11.52 22.87
C GLU A 193 -12.25 -10.62 21.80
N CYS A 194 -13.15 -10.21 20.92
CA CYS A 194 -12.82 -9.31 19.84
C CYS A 194 -13.68 -8.09 20.05
N GLU A 195 -13.08 -7.04 20.62
CA GLU A 195 -13.79 -5.79 20.87
C GLU A 195 -13.63 -4.84 19.69
N VAL A 196 -14.75 -4.57 19.05
CA VAL A 196 -14.81 -3.72 17.86
C VAL A 196 -15.41 -2.34 18.09
N THR A 197 -14.62 -1.31 17.82
CA THR A 197 -15.05 0.07 17.95
C THR A 197 -15.17 0.65 16.55
N HIS A 198 -16.26 1.35 16.32
CA HIS A 198 -16.56 1.98 15.03
C HIS A 198 -17.61 3.06 15.31
N GLN A 199 -17.82 3.91 14.30
CA GLN A 199 -18.76 5.02 14.32
C GLN A 199 -20.24 4.58 14.19
N GLY A 200 -20.47 3.53 13.40
CA GLY A 200 -21.81 2.99 13.20
C GLY A 200 -22.33 2.22 14.39
N LEU A 201 -21.44 2.07 15.36
CA LEU A 201 -21.72 1.39 16.61
C LEU A 201 -21.67 2.49 17.65
N SER A 202 -22.80 2.63 18.37
CA SER A 202 -22.95 3.62 19.44
C SER A 202 -21.95 3.33 20.57
N SER A 203 -21.65 2.04 20.75
CA SER A 203 -20.72 1.55 21.77
C SER A 203 -19.95 0.32 21.28
N PRO A 204 -18.69 0.11 21.75
CA PRO A 204 -17.86 -1.04 21.35
C PRO A 204 -18.50 -2.43 21.49
N VAL A 205 -18.81 -3.04 20.35
CA VAL A 205 -19.40 -4.39 20.29
C VAL A 205 -18.32 -5.42 20.60
N THR A 206 -18.66 -6.43 21.38
CA THR A 206 -17.71 -7.47 21.76
C THR A 206 -18.24 -8.86 21.45
N LYS A 207 -17.48 -9.59 20.64
CA LYS A 207 -17.79 -10.97 20.28
C LYS A 207 -16.74 -11.84 20.94
N SER A 208 -17.24 -12.81 21.70
CA SER A 208 -16.37 -13.70 22.43
C SER A 208 -16.81 -15.15 22.40
N PHE A 209 -16.00 -16.00 23.01
CA PHE A 209 -16.27 -17.42 23.16
C PHE A 209 -15.45 -17.95 24.31
N ASN A 210 -15.99 -18.98 24.93
CA ASN A 210 -15.31 -19.64 26.01
C ASN A 210 -14.81 -20.95 25.50
N ARG A 211 -13.50 -21.13 25.63
CA ARG A 211 -12.81 -22.34 25.25
C ARG A 211 -13.21 -23.36 26.33
N GLY A 212 -13.83 -22.82 27.40
CA GLY A 212 -14.29 -23.56 28.56
C GLY A 212 -15.79 -23.78 28.78
N GLU A 213 -16.63 -23.52 27.78
CA GLU A 213 -18.09 -23.79 27.84
C GLU A 213 -18.23 -24.77 26.69
N CYS A 214 -18.71 -25.99 26.97
CA CYS A 214 -18.82 -27.01 25.93
C CYS A 214 -20.13 -27.82 25.94
N ARG B 1 6.65 9.83 -26.80
CA ARG B 1 6.04 9.33 -25.53
C ARG B 1 7.15 8.74 -24.67
N ILE B 2 7.37 9.35 -23.49
CA ILE B 2 8.38 8.87 -22.55
C ILE B 2 7.86 7.65 -21.80
N THR B 3 8.71 6.63 -21.71
CA THR B 3 8.39 5.39 -20.98
C THR B 3 9.62 4.91 -20.26
N LEU B 4 9.42 4.46 -19.01
CA LEU B 4 10.49 3.92 -18.18
C LEU B 4 10.01 2.55 -17.69
N LYS B 5 10.94 1.61 -17.52
CA LYS B 5 10.60 0.28 -17.04
C LYS B 5 11.68 -0.27 -16.12
N GLU B 6 11.25 -0.64 -14.91
CA GLU B 6 12.12 -1.19 -13.90
C GLU B 6 12.29 -2.69 -14.09
N SER B 7 13.51 -3.17 -13.83
CA SER B 7 13.85 -4.57 -13.94
C SER B 7 14.88 -4.97 -12.89
N GLY B 8 14.78 -6.20 -12.42
CA GLY B 8 15.68 -6.73 -11.41
C GLY B 8 15.08 -7.94 -10.70
N PRO B 9 15.77 -8.47 -9.67
CA PRO B 9 15.29 -9.63 -8.92
C PRO B 9 14.06 -9.37 -8.05
N PRO B 10 13.01 -10.20 -8.19
CA PRO B 10 11.80 -10.03 -7.37
C PRO B 10 11.99 -10.53 -5.95
N LEU B 11 13.07 -11.29 -5.76
CA LEU B 11 13.41 -11.87 -4.47
C LEU B 11 14.91 -11.75 -4.16
N VAL B 12 15.20 -11.08 -3.05
CA VAL B 12 16.57 -10.88 -2.57
C VAL B 12 16.56 -11.35 -1.12
N LYS B 13 17.72 -11.82 -0.66
CA LYS B 13 17.88 -12.27 0.72
C LYS B 13 18.54 -11.18 1.55
N PRO B 14 18.36 -11.18 2.89
CA PRO B 14 19.00 -10.14 3.71
C PRO B 14 20.53 -10.16 3.58
N THR B 15 21.15 -8.99 3.82
CA THR B 15 22.60 -8.75 3.73
C THR B 15 23.14 -8.82 2.30
N GLN B 16 22.25 -9.13 1.35
CA GLN B 16 22.64 -9.20 -0.04
C GLN B 16 22.52 -7.84 -0.72
N THR B 17 22.95 -7.79 -1.97
CA THR B 17 22.92 -6.57 -2.74
C THR B 17 21.82 -6.62 -3.81
N LEU B 18 20.98 -5.59 -3.78
CA LEU B 18 19.88 -5.43 -4.72
C LEU B 18 20.30 -4.45 -5.81
N THR B 19 20.23 -4.89 -7.06
CA THR B 19 20.56 -4.07 -8.22
C THR B 19 19.35 -3.95 -9.13
N LEU B 20 18.86 -2.72 -9.26
CA LEU B 20 17.71 -2.43 -10.10
C LEU B 20 18.15 -1.60 -11.29
N THR B 21 17.49 -1.82 -12.43
CA THR B 21 17.78 -1.12 -13.67
C THR B 21 16.52 -0.42 -14.17
N CYS B 22 16.71 0.77 -14.72
CA CYS B 22 15.62 1.58 -15.26
C CYS B 22 15.94 1.83 -16.70
N SER B 23 15.24 1.15 -17.60
CA SER B 23 15.43 1.31 -19.03
C SER B 23 14.35 2.28 -19.54
N PHE B 24 14.79 3.24 -20.35
CA PHE B 24 13.88 4.24 -20.89
C PHE B 24 13.97 4.54 -22.39
N SER B 25 12.99 5.32 -22.85
CA SER B 25 12.87 5.78 -24.25
C SER B 25 12.04 7.06 -24.24
N GLY B 26 12.29 7.94 -25.21
CA GLY B 26 11.54 9.19 -25.29
C GLY B 26 12.31 10.42 -24.83
N PHE B 27 13.50 10.18 -24.30
CA PHE B 27 14.41 11.22 -23.85
C PHE B 27 15.80 10.62 -23.77
N SER B 28 16.78 11.47 -23.48
CA SER B 28 18.15 11.04 -23.35
C SER B 28 18.68 11.61 -22.07
N LEU B 29 19.65 10.91 -21.49
CA LEU B 29 20.27 11.39 -20.27
C LEU B 29 21.42 12.33 -20.61
N SER B 30 21.39 12.90 -21.81
CA SER B 30 22.39 13.87 -22.23
C SER B 30 21.70 15.20 -22.50
N ASP B 31 20.35 15.19 -22.46
CA ASP B 31 19.55 16.39 -22.63
C ASP B 31 19.78 17.20 -21.36
N PHE B 32 19.95 18.50 -21.54
CA PHE B 32 20.24 19.40 -20.43
C PHE B 32 19.34 19.29 -19.19
N GLY B 33 19.99 18.99 -18.07
CA GLY B 33 19.33 18.91 -16.78
C GLY B 33 18.37 17.80 -16.43
N VAL B 34 18.17 16.86 -17.36
CA VAL B 34 17.28 15.72 -17.14
C VAL B 34 17.78 14.88 -15.97
N GLY B 35 16.84 14.25 -15.27
CA GLY B 35 17.19 13.41 -14.14
C GLY B 35 16.32 12.18 -14.12
N VAL B 36 16.85 11.11 -13.56
CA VAL B 36 16.12 9.86 -13.40
C VAL B 36 16.21 9.60 -11.91
N GLY B 37 15.05 9.58 -11.26
CA GLY B 37 14.99 9.37 -9.83
C GLY B 37 14.30 8.08 -9.44
N TRP B 38 14.62 7.61 -8.23
CA TRP B 38 14.04 6.39 -7.71
C TRP B 38 13.20 6.69 -6.50
N ILE B 39 12.01 6.11 -6.49
CA ILE B 39 11.06 6.28 -5.41
C ILE B 39 10.52 4.88 -5.13
N ARG B 40 10.39 4.51 -3.87
CA ARG B 40 9.85 3.21 -3.50
C ARG B 40 8.58 3.34 -2.68
N GLN B 41 7.83 2.26 -2.60
CA GLN B 41 6.60 2.26 -1.85
C GLN B 41 6.34 0.94 -1.12
N PRO B 42 6.52 0.91 0.23
CA PRO B 42 6.29 -0.31 1.03
C PRO B 42 4.80 -0.69 0.89
N PRO B 43 4.48 -2.00 0.78
CA PRO B 43 3.10 -2.49 0.62
C PRO B 43 2.04 -1.81 1.50
N GLY B 44 1.16 -1.05 0.84
CA GLY B 44 0.09 -0.32 1.51
C GLY B 44 0.64 0.79 2.41
N LYS B 45 1.47 1.65 1.82
CA LYS B 45 2.10 2.76 2.54
C LYS B 45 2.36 3.91 1.58
N ALA B 46 3.13 4.88 2.06
CA ALA B 46 3.49 6.07 1.29
C ALA B 46 4.68 5.91 0.38
N LEU B 47 4.82 6.90 -0.49
CA LEU B 47 5.92 6.96 -1.43
C LEU B 47 7.09 7.45 -0.62
N GLU B 48 8.27 6.96 -0.97
CA GLU B 48 9.49 7.32 -0.27
C GLU B 48 10.58 7.59 -1.29
N TRP B 49 11.09 8.83 -1.29
CA TRP B 49 12.13 9.25 -2.21
C TRP B 49 13.46 8.59 -1.87
N LEU B 50 14.09 7.99 -2.88
CA LEU B 50 15.36 7.28 -2.67
C LEU B 50 16.63 7.96 -3.16
N ALA B 51 16.63 8.34 -4.43
CA ALA B 51 17.79 8.97 -5.06
C ALA B 51 17.44 9.57 -6.40
N ILE B 52 18.41 10.27 -6.99
CA ILE B 52 18.28 10.91 -8.30
C ILE B 52 19.66 11.14 -8.90
N ILE B 53 19.75 10.98 -10.22
CA ILE B 53 20.98 11.21 -10.96
C ILE B 53 20.62 12.08 -12.17
N TYR B 54 21.51 12.99 -12.53
CA TYR B 54 21.25 13.86 -13.67
C TYR B 54 22.17 13.62 -14.86
N SER B 55 21.93 14.39 -15.92
CA SER B 55 22.70 14.34 -17.16
C SER B 55 24.17 14.60 -16.96
N ASP B 56 24.47 15.40 -15.93
CA ASP B 56 25.84 15.78 -15.60
C ASP B 56 26.50 14.91 -14.53
N ASP B 57 25.99 13.68 -14.34
CA ASP B 57 26.48 12.70 -13.37
C ASP B 57 26.43 13.19 -11.92
N ASP B 58 25.60 14.22 -11.69
CA ASP B 58 25.38 14.80 -10.38
C ASP B 58 24.35 13.86 -9.75
N LYS B 59 24.63 13.42 -8.52
CA LYS B 59 23.80 12.47 -7.80
C LYS B 59 23.48 12.88 -6.39
N ARG B 60 22.32 12.46 -5.91
CA ARG B 60 21.88 12.72 -4.53
C ARG B 60 21.16 11.48 -4.04
N TYR B 61 21.25 11.23 -2.73
CA TYR B 61 20.63 10.06 -2.10
C TYR B 61 19.85 10.47 -0.87
N SER B 62 18.87 9.63 -0.48
CA SER B 62 18.09 9.85 0.74
C SER B 62 19.12 9.74 1.86
N PRO B 63 19.22 10.76 2.76
CA PRO B 63 20.16 10.81 3.89
C PRO B 63 20.13 9.65 4.86
N SER B 64 18.98 8.96 4.90
CA SER B 64 18.81 7.80 5.77
C SER B 64 19.48 6.58 5.15
N LEU B 65 19.40 6.49 3.82
CA LEU B 65 19.91 5.36 3.05
C LEU B 65 21.23 5.56 2.31
N ASN B 66 21.79 6.74 2.53
CA ASN B 66 23.06 7.26 2.02
C ASN B 66 24.19 6.22 1.91
N THR B 67 24.37 5.50 3.02
CA THR B 67 25.38 4.45 3.25
C THR B 67 25.31 3.23 2.32
N ARG B 68 24.08 2.90 1.90
CA ARG B 68 23.79 1.73 1.09
C ARG B 68 23.51 1.98 -0.40
N LEU B 69 22.94 3.15 -0.71
CA LEU B 69 22.58 3.48 -2.07
C LEU B 69 23.70 4.01 -2.96
N THR B 70 23.70 3.55 -4.21
CA THR B 70 24.67 3.97 -5.22
C THR B 70 23.88 4.08 -6.52
N ILE B 71 23.89 5.25 -7.14
CA ILE B 71 23.15 5.45 -8.40
C ILE B 71 24.12 5.76 -9.54
N THR B 72 23.90 5.09 -10.67
CA THR B 72 24.75 5.25 -11.85
C THR B 72 23.92 5.46 -13.11
N LYS B 73 24.59 5.78 -14.21
CA LYS B 73 23.94 5.98 -15.50
C LYS B 73 24.85 5.62 -16.67
N ASP B 74 24.24 5.10 -17.73
CA ASP B 74 24.94 4.78 -18.97
C ASP B 74 24.10 5.52 -20.00
N THR B 75 24.55 6.73 -20.33
CA THR B 75 23.89 7.67 -21.27
C THR B 75 23.64 7.07 -22.66
N SER B 76 24.49 6.12 -23.04
CA SER B 76 24.43 5.46 -24.33
C SER B 76 23.38 4.34 -24.39
N LYS B 77 23.30 3.56 -23.31
CA LYS B 77 22.35 2.45 -23.26
C LYS B 77 20.97 2.84 -22.73
N ASN B 78 20.80 4.14 -22.44
CA ASN B 78 19.55 4.71 -21.91
C ASN B 78 19.09 4.02 -20.63
N GLN B 79 20.04 3.73 -19.75
CA GLN B 79 19.75 3.05 -18.51
C GLN B 79 20.36 3.71 -17.28
N VAL B 80 19.70 3.51 -16.14
CA VAL B 80 20.12 4.02 -14.84
C VAL B 80 20.01 2.85 -13.90
N VAL B 81 21.02 2.67 -13.05
CA VAL B 81 21.03 1.59 -12.09
C VAL B 81 21.05 2.12 -10.67
N LEU B 82 20.37 1.40 -9.79
CA LEU B 82 20.31 1.73 -8.37
C LEU B 82 20.76 0.48 -7.65
N VAL B 83 21.79 0.63 -6.84
CA VAL B 83 22.34 -0.47 -6.07
C VAL B 83 22.11 -0.20 -4.59
N MET B 84 21.33 -1.08 -3.98
CA MET B 84 21.03 -1.02 -2.57
C MET B 84 21.79 -2.19 -1.97
N THR B 85 22.74 -1.88 -1.10
CA THR B 85 23.54 -2.91 -0.43
C THR B 85 22.87 -3.27 0.88
N ARG B 86 23.27 -4.42 1.43
CA ARG B 86 22.75 -4.98 2.68
C ARG B 86 21.29 -4.68 3.06
N VAL B 87 20.41 -5.31 2.30
CA VAL B 87 18.97 -5.19 2.44
C VAL B 87 18.42 -6.00 3.61
N SER B 88 17.29 -5.57 4.14
CA SER B 88 16.64 -6.24 5.26
C SER B 88 15.15 -6.28 4.91
N PRO B 89 14.32 -7.12 5.59
CA PRO B 89 12.88 -7.17 5.28
C PRO B 89 12.11 -5.84 5.24
N VAL B 90 12.72 -4.78 5.77
CA VAL B 90 12.10 -3.45 5.77
C VAL B 90 12.20 -2.81 4.37
N ASP B 91 13.16 -3.30 3.57
CA ASP B 91 13.35 -2.78 2.22
C ASP B 91 12.42 -3.44 1.21
N THR B 92 11.51 -4.30 1.68
CA THR B 92 10.52 -4.96 0.82
C THR B 92 9.57 -3.86 0.39
N ALA B 93 9.49 -3.64 -0.93
CA ALA B 93 8.65 -2.60 -1.50
C ALA B 93 8.59 -2.66 -3.01
N THR B 94 7.78 -1.77 -3.57
CA THR B 94 7.67 -1.61 -5.02
C THR B 94 8.54 -0.41 -5.35
N TYR B 95 9.53 -0.63 -6.21
CA TYR B 95 10.47 0.39 -6.63
C TYR B 95 10.14 0.96 -8.00
N PHE B 96 9.99 2.29 -8.04
CA PHE B 96 9.69 3.02 -9.28
C PHE B 96 10.88 3.86 -9.68
N CYS B 97 10.99 4.11 -10.97
CA CYS B 97 12.02 4.99 -11.50
C CYS B 97 11.21 6.00 -12.31
N ALA B 98 11.58 7.27 -12.18
CA ALA B 98 10.85 8.34 -12.85
C ALA B 98 11.75 9.36 -13.51
N HIS B 99 11.20 10.00 -14.52
CA HIS B 99 11.87 11.02 -15.30
C HIS B 99 11.59 12.41 -14.74
N ARG B 100 12.63 13.23 -14.68
CA ARG B 100 12.52 14.60 -14.22
C ARG B 100 12.95 15.48 -15.38
N ARG B 101 12.17 16.52 -15.63
CA ARG B 101 12.46 17.45 -16.71
C ARG B 101 13.60 18.39 -16.37
N GLY B 102 14.24 18.89 -17.43
CA GLY B 102 15.29 19.87 -17.28
C GLY B 102 14.56 21.21 -17.32
N PRO B 103 15.26 22.35 -17.16
CA PRO B 103 14.54 23.62 -17.21
C PRO B 103 14.20 23.96 -18.65
N THR B 104 13.29 24.93 -18.82
CA THR B 104 12.92 25.39 -20.14
C THR B 104 14.18 26.10 -20.63
N THR B 105 14.80 25.56 -21.66
CA THR B 105 16.01 26.14 -22.18
C THR B 105 15.80 26.82 -23.52
N LEU B 106 16.29 28.05 -23.60
CA LEU B 106 16.25 28.81 -24.86
C LEU B 106 17.74 29.01 -25.11
N PHE B 107 18.19 28.50 -26.26
CA PHE B 107 19.59 28.55 -26.71
C PHE B 107 20.50 27.64 -25.88
N GLY B 108 19.90 26.63 -25.24
CA GLY B 108 20.67 25.70 -24.42
C GLY B 108 20.94 26.19 -23.00
N VAL B 109 20.52 27.43 -22.72
CA VAL B 109 20.68 28.01 -21.38
C VAL B 109 19.28 28.18 -20.77
N PRO B 110 19.08 27.72 -19.52
CA PRO B 110 17.78 27.81 -18.86
C PRO B 110 17.22 29.19 -18.68
N ILE B 111 15.94 29.31 -18.99
CA ILE B 111 15.19 30.55 -18.87
C ILE B 111 14.03 30.40 -17.89
N ALA B 112 13.71 29.16 -17.54
CA ALA B 112 12.62 28.85 -16.60
C ALA B 112 12.77 27.55 -15.82
N ARG B 113 12.66 27.65 -14.51
CA ARG B 113 12.77 26.54 -13.57
C ARG B 113 11.49 25.72 -13.52
N GLY B 114 10.35 26.40 -13.69
CA GLY B 114 9.03 25.79 -13.68
C GLY B 114 8.87 24.29 -13.88
N PRO B 115 9.11 23.76 -15.11
CA PRO B 115 8.99 22.34 -15.50
C PRO B 115 9.69 21.23 -14.72
N VAL B 116 10.72 21.59 -13.95
CA VAL B 116 11.50 20.62 -13.17
C VAL B 116 10.83 20.20 -11.87
N ASN B 117 9.91 21.04 -11.42
CA ASN B 117 9.20 20.82 -10.18
C ASN B 117 8.08 19.79 -10.17
N ALA B 118 8.47 18.56 -10.54
CA ALA B 118 7.67 17.33 -10.57
C ALA B 118 8.43 16.25 -11.29
N MET B 119 8.06 14.99 -10.99
CA MET B 119 8.62 13.81 -11.64
C MET B 119 7.43 13.52 -12.56
N ASP B 120 7.55 13.95 -13.81
CA ASP B 120 6.47 13.83 -14.77
C ASP B 120 6.04 12.48 -15.32
N VAL B 121 6.99 11.56 -15.51
CA VAL B 121 6.68 10.23 -16.03
C VAL B 121 7.35 9.12 -15.20
N TRP B 122 6.56 8.12 -14.81
CA TRP B 122 7.01 7.00 -13.98
C TRP B 122 6.85 5.65 -14.69
N GLY B 123 7.57 4.65 -14.20
CA GLY B 123 7.46 3.32 -14.77
C GLY B 123 6.38 2.54 -14.04
N GLN B 124 6.03 1.34 -14.52
CA GLN B 124 4.99 0.52 -13.89
C GLN B 124 5.31 0.14 -12.45
N GLY B 125 6.61 0.01 -12.17
CA GLY B 125 7.09 -0.34 -10.85
C GLY B 125 7.48 -1.78 -10.79
N ILE B 126 8.41 -2.09 -9.89
CA ILE B 126 8.86 -3.47 -9.71
C ILE B 126 8.75 -3.84 -8.24
N THR B 127 8.08 -4.94 -7.95
CA THR B 127 7.92 -5.40 -6.58
C THR B 127 9.14 -6.23 -6.23
N VAL B 128 9.78 -5.86 -5.12
CA VAL B 128 10.95 -6.56 -4.62
C VAL B 128 10.61 -7.00 -3.20
N THR B 129 10.78 -8.30 -2.95
CA THR B 129 10.52 -8.90 -1.66
C THR B 129 11.83 -9.43 -1.08
N ILE B 130 12.04 -9.13 0.19
CA ILE B 130 13.22 -9.59 0.91
C ILE B 130 12.82 -10.57 2.00
N SER B 131 13.42 -11.75 1.89
CA SER B 131 13.17 -12.85 2.81
C SER B 131 14.31 -13.84 2.78
N SER B 132 14.56 -14.45 3.93
CA SER B 132 15.60 -15.48 4.12
C SER B 132 14.95 -16.81 3.74
N THR B 133 13.64 -16.71 3.56
CA THR B 133 12.73 -17.80 3.30
C THR B 133 12.65 -18.58 2.00
N SER B 134 12.50 -19.89 2.21
CA SER B 134 12.38 -20.90 1.17
C SER B 134 10.91 -21.09 0.80
N THR B 135 10.71 -21.41 -0.48
CA THR B 135 9.40 -21.66 -1.07
C THR B 135 8.70 -22.80 -0.32
N LYS B 136 7.42 -22.60 0.00
CA LYS B 136 6.62 -23.63 0.67
C LYS B 136 5.12 -23.38 0.71
N GLY B 137 4.40 -24.50 0.66
CA GLY B 137 2.95 -24.50 0.64
C GLY B 137 2.18 -24.14 1.88
N PRO B 138 0.94 -23.64 1.69
CA PRO B 138 0.03 -23.24 2.75
C PRO B 138 -0.73 -24.40 3.35
N SER B 139 -1.09 -24.22 4.61
CA SER B 139 -1.89 -25.19 5.33
C SER B 139 -3.25 -24.49 5.35
N VAL B 140 -4.32 -25.19 4.99
CA VAL B 140 -5.63 -24.56 4.99
C VAL B 140 -6.45 -25.07 6.16
N PHE B 141 -6.94 -24.13 6.96
CA PHE B 141 -7.73 -24.41 8.15
C PHE B 141 -9.10 -23.81 7.97
N PRO B 142 -10.16 -24.44 8.54
CA PRO B 142 -11.49 -23.85 8.36
C PRO B 142 -11.82 -22.78 9.39
N LEU B 143 -12.76 -21.90 9.01
CA LEU B 143 -13.23 -20.85 9.91
C LEU B 143 -14.73 -21.04 9.94
N ALA B 144 -15.16 -21.96 10.79
CA ALA B 144 -16.57 -22.27 10.98
C ALA B 144 -16.89 -21.65 12.34
N PRO B 145 -18.14 -21.17 12.56
CA PRO B 145 -18.54 -20.55 13.85
C PRO B 145 -18.07 -21.30 15.12
N THR B 154 -27.31 -13.18 9.16
CA THR B 154 -26.50 -13.94 8.23
C THR B 154 -25.46 -14.82 8.96
N ALA B 155 -24.83 -15.73 8.23
CA ALA B 155 -23.82 -16.63 8.77
C ALA B 155 -22.47 -16.37 8.10
N ALA B 156 -21.38 -16.61 8.82
CA ALA B 156 -20.05 -16.41 8.26
C ALA B 156 -19.16 -17.62 8.40
N LEU B 157 -18.37 -17.85 7.36
CA LEU B 157 -17.44 -18.96 7.33
C LEU B 157 -16.26 -18.63 6.43
N GLY B 158 -15.20 -19.44 6.51
CA GLY B 158 -14.05 -19.18 5.68
C GLY B 158 -12.89 -20.14 5.80
N CYS B 159 -11.80 -19.78 5.12
CA CYS B 159 -10.58 -20.55 5.15
C CYS B 159 -9.41 -19.69 5.53
N LEU B 160 -8.56 -20.20 6.41
CA LEU B 160 -7.36 -19.50 6.83
C LEU B 160 -6.23 -20.16 6.06
N VAL B 161 -5.74 -19.47 5.04
CA VAL B 161 -4.66 -19.96 4.21
C VAL B 161 -3.38 -19.48 4.90
N LYS B 162 -2.78 -20.37 5.68
CA LYS B 162 -1.60 -20.06 6.49
C LYS B 162 -0.25 -20.63 6.08
N ASP B 163 0.81 -19.94 6.53
CA ASP B 163 2.21 -20.31 6.33
C ASP B 163 2.75 -20.62 4.93
N TYR B 164 2.56 -19.69 4.00
CA TYR B 164 3.05 -19.88 2.64
C TYR B 164 4.09 -18.86 2.20
N PHE B 165 4.86 -19.23 1.19
CA PHE B 165 5.89 -18.38 0.63
C PHE B 165 6.30 -18.91 -0.75
N PRO B 166 6.35 -18.05 -1.79
CA PRO B 166 6.05 -16.61 -1.80
C PRO B 166 4.63 -16.35 -2.21
N GLU B 167 4.33 -15.06 -2.42
CA GLU B 167 3.03 -14.65 -2.90
C GLU B 167 3.03 -14.96 -4.41
N PRO B 168 1.84 -15.19 -5.01
CA PRO B 168 0.48 -15.17 -4.46
C PRO B 168 -0.19 -16.52 -4.18
N VAL B 169 -1.47 -16.44 -3.80
CA VAL B 169 -2.35 -17.57 -3.55
C VAL B 169 -3.72 -17.11 -4.03
N THR B 170 -4.33 -17.93 -4.88
CA THR B 170 -5.67 -17.67 -5.41
C THR B 170 -6.65 -18.50 -4.57
N VAL B 171 -7.78 -17.90 -4.22
CA VAL B 171 -8.81 -18.59 -3.43
C VAL B 171 -10.19 -18.40 -4.08
N SER B 172 -10.82 -19.52 -4.45
CA SER B 172 -12.16 -19.49 -5.04
C SER B 172 -13.08 -20.36 -4.18
N TRP B 173 -14.38 -20.13 -4.26
CA TRP B 173 -15.35 -20.90 -3.48
C TRP B 173 -16.24 -21.76 -4.35
N ASN B 174 -16.50 -22.98 -3.89
CA ASN B 174 -17.34 -23.99 -4.58
C ASN B 174 -17.01 -24.10 -6.07
N SER B 175 -15.71 -24.08 -6.35
CA SER B 175 -15.12 -24.16 -7.69
C SER B 175 -15.49 -23.02 -8.63
N GLY B 176 -15.78 -21.85 -8.05
CA GLY B 176 -16.13 -20.67 -8.81
C GLY B 176 -17.59 -20.29 -8.72
N ALA B 177 -18.43 -21.25 -8.33
CA ALA B 177 -19.88 -21.08 -8.21
C ALA B 177 -20.30 -19.97 -7.23
N LEU B 178 -19.59 -19.90 -6.10
CA LEU B 178 -19.86 -18.91 -5.08
C LEU B 178 -18.89 -17.73 -5.15
N THR B 179 -19.47 -16.55 -5.39
CA THR B 179 -18.73 -15.29 -5.49
C THR B 179 -19.40 -14.16 -4.70
N SER B 180 -20.72 -14.26 -4.52
CA SER B 180 -21.48 -13.25 -3.80
C SER B 180 -21.30 -13.35 -2.29
N GLY B 181 -20.85 -12.25 -1.68
CA GLY B 181 -20.61 -12.21 -0.25
C GLY B 181 -19.20 -12.63 0.18
N VAL B 182 -18.38 -13.00 -0.81
CA VAL B 182 -17.00 -13.44 -0.60
C VAL B 182 -16.03 -12.28 -0.41
N HIS B 183 -15.14 -12.43 0.55
CA HIS B 183 -14.11 -11.44 0.85
C HIS B 183 -12.79 -12.14 1.07
N THR B 184 -11.94 -12.06 0.05
CA THR B 184 -10.61 -12.64 0.11
C THR B 184 -9.70 -11.47 0.48
N PHE B 185 -9.15 -11.55 1.69
CA PHE B 185 -8.29 -10.52 2.24
C PHE B 185 -6.85 -10.48 1.75
N PRO B 186 -6.21 -9.28 1.83
CA PRO B 186 -4.82 -9.19 1.41
C PRO B 186 -3.97 -9.98 2.42
N ALA B 187 -2.93 -10.64 1.93
CA ALA B 187 -2.06 -11.43 2.79
C ALA B 187 -1.23 -10.55 3.72
N VAL B 188 -0.89 -11.10 4.89
CA VAL B 188 -0.07 -10.40 5.86
C VAL B 188 1.24 -11.18 6.00
N LEU B 189 2.37 -10.46 6.01
CA LEU B 189 3.66 -11.10 6.18
C LEU B 189 3.84 -11.24 7.67
N GLN B 190 3.95 -12.49 8.13
CA GLN B 190 4.12 -12.78 9.55
C GLN B 190 5.58 -12.63 9.92
N SER B 191 5.82 -12.65 11.24
CA SER B 191 7.13 -12.53 11.85
C SER B 191 8.10 -13.64 11.41
N SER B 192 7.54 -14.79 11.04
CA SER B 192 8.30 -15.95 10.58
C SER B 192 8.76 -15.85 9.12
N GLY B 193 8.37 -14.76 8.46
CA GLY B 193 8.73 -14.52 7.06
C GLY B 193 7.80 -15.19 6.06
N LEU B 194 6.80 -15.88 6.59
CA LEU B 194 5.79 -16.60 5.83
C LEU B 194 4.52 -15.78 5.75
N TYR B 195 3.73 -15.95 4.70
CA TYR B 195 2.48 -15.21 4.57
C TYR B 195 1.30 -15.96 5.15
N SER B 196 0.24 -15.22 5.42
CA SER B 196 -1.00 -15.75 5.97
C SER B 196 -2.10 -14.92 5.32
N LEU B 197 -3.18 -15.58 4.97
CA LEU B 197 -4.32 -14.95 4.31
C LEU B 197 -5.57 -15.65 4.81
N SER B 198 -6.69 -14.95 4.72
CA SER B 198 -7.99 -15.50 5.12
C SER B 198 -9.03 -15.09 4.10
N SER B 199 -9.88 -16.03 3.73
CA SER B 199 -10.96 -15.78 2.78
C SER B 199 -12.24 -16.13 3.51
N VAL B 200 -13.23 -15.24 3.44
CA VAL B 200 -14.52 -15.47 4.10
C VAL B 200 -15.71 -15.31 3.14
N VAL B 201 -16.90 -15.72 3.60
CA VAL B 201 -18.14 -15.60 2.85
C VAL B 201 -19.36 -15.55 3.77
N THR B 202 -20.22 -14.57 3.52
CA THR B 202 -21.45 -14.38 4.28
C THR B 202 -22.59 -15.04 3.54
N VAL B 203 -23.35 -15.85 4.26
CA VAL B 203 -24.46 -16.62 3.70
C VAL B 203 -25.72 -16.66 4.57
N PRO B 204 -26.91 -16.93 3.97
CA PRO B 204 -28.16 -17.03 4.73
C PRO B 204 -28.01 -18.17 5.76
N SER B 205 -28.33 -17.87 7.02
CA SER B 205 -28.25 -18.83 8.14
C SER B 205 -29.22 -20.01 8.02
N SER B 206 -29.65 -20.26 6.78
CA SER B 206 -30.56 -21.32 6.42
C SER B 206 -29.71 -22.54 6.03
N SER B 207 -28.97 -22.36 4.95
CA SER B 207 -28.12 -23.38 4.35
C SER B 207 -26.76 -23.67 5.00
N GLN B 211 -24.83 -25.14 -1.28
CA GLN B 211 -25.06 -25.37 0.14
C GLN B 211 -23.86 -26.00 0.89
N THR B 212 -22.91 -26.58 0.16
CA THR B 212 -21.68 -27.09 0.78
C THR B 212 -20.71 -25.97 0.45
N TYR B 213 -19.72 -25.74 1.30
CA TYR B 213 -18.78 -24.66 1.06
C TYR B 213 -17.38 -25.19 1.05
N THR B 214 -16.69 -24.96 -0.07
CA THR B 214 -15.32 -25.42 -0.24
C THR B 214 -14.45 -24.29 -0.79
N CYS B 215 -13.31 -24.04 -0.14
CA CYS B 215 -12.39 -23.03 -0.62
C CYS B 215 -11.34 -23.77 -1.45
N ASN B 216 -11.18 -23.32 -2.69
CA ASN B 216 -10.23 -23.90 -3.62
C ASN B 216 -9.01 -23.03 -3.61
N VAL B 217 -8.01 -23.51 -2.89
CA VAL B 217 -6.74 -22.82 -2.67
C VAL B 217 -5.64 -23.31 -3.62
N ASN B 218 -4.96 -22.35 -4.24
CA ASN B 218 -3.85 -22.67 -5.15
C ASN B 218 -2.67 -21.73 -4.90
N HIS B 219 -1.52 -22.35 -4.64
CA HIS B 219 -0.27 -21.66 -4.42
C HIS B 219 0.67 -22.30 -5.43
N LYS B 220 0.64 -21.76 -6.64
CA LYS B 220 1.46 -22.23 -7.78
C LYS B 220 2.99 -22.35 -7.56
N PRO B 221 3.61 -21.48 -6.72
CA PRO B 221 5.07 -21.63 -6.52
C PRO B 221 5.54 -22.96 -5.89
N SER B 222 4.75 -23.51 -4.97
CA SER B 222 5.08 -24.77 -4.32
C SER B 222 4.32 -25.92 -4.95
N ASN B 223 3.37 -25.55 -5.84
CA ASN B 223 2.48 -26.47 -6.54
C ASN B 223 1.67 -27.25 -5.49
N THR B 224 0.92 -26.46 -4.71
CA THR B 224 0.07 -26.97 -3.65
C THR B 224 -1.34 -26.48 -3.92
N LYS B 225 -2.18 -27.42 -4.30
CA LYS B 225 -3.58 -27.17 -4.61
C LYS B 225 -4.38 -27.87 -3.52
N VAL B 226 -5.28 -27.14 -2.84
CA VAL B 226 -6.10 -27.69 -1.76
C VAL B 226 -7.58 -27.30 -1.87
N ASP B 227 -8.44 -28.23 -1.46
CA ASP B 227 -9.88 -28.02 -1.44
C ASP B 227 -10.31 -28.32 -0.01
N LYS B 228 -10.64 -27.26 0.73
CA LYS B 228 -11.06 -27.40 2.12
C LYS B 228 -12.53 -27.14 2.28
N ARG B 229 -13.24 -28.17 2.73
CA ARG B 229 -14.66 -28.08 2.99
C ARG B 229 -14.85 -27.50 4.41
N VAL B 230 -15.79 -26.56 4.53
CA VAL B 230 -16.07 -25.85 5.79
C VAL B 230 -17.54 -26.01 6.25
N GLU B 231 -17.73 -26.15 7.58
CA GLU B 231 -19.07 -26.30 8.20
C GLU B 231 -19.12 -26.14 9.75
N PRO B 232 -20.27 -25.68 10.33
CA PRO B 232 -20.51 -25.46 11.79
C PRO B 232 -20.21 -26.56 12.84
N LEU C 1 19.18 22.25 5.51
CA LEU C 1 19.17 21.18 4.47
C LEU C 1 19.78 21.74 3.19
N GLU C 2 20.35 20.85 2.36
CA GLU C 2 20.95 21.22 1.07
C GLU C 2 19.77 21.55 0.13
N LEU C 3 20.05 22.07 -1.05
CA LEU C 3 18.95 22.36 -1.91
C LEU C 3 19.01 21.88 -3.32
N ASP C 4 17.80 21.72 -3.88
CA ASP C 4 17.58 21.26 -5.21
C ASP C 4 18.49 21.93 -6.19
N LYS C 5 18.88 21.12 -7.17
CA LYS C 5 19.73 21.51 -8.25
C LYS C 5 19.27 22.82 -8.90
N TRP C 6 17.95 22.98 -8.94
CA TRP C 6 17.33 24.13 -9.56
C TRP C 6 16.63 25.11 -8.63
N ALA C 7 16.82 24.93 -7.32
CA ALA C 7 16.22 25.78 -6.28
C ALA C 7 16.58 27.24 -6.55
N SER C 8 17.62 27.44 -7.35
CA SER C 8 18.05 28.75 -7.64
C SER C 8 17.84 29.32 -9.02
N LEU C 9 17.15 28.61 -9.89
CA LEU C 9 16.92 29.30 -11.12
C LEU C 9 15.52 29.80 -11.17
N TRP C 10 15.45 30.91 -11.85
CA TRP C 10 14.24 31.64 -12.06
C TRP C 10 13.31 30.72 -12.83
N NH2 C 11 12.11 30.52 -12.33
#